data_2FIC
#
_entry.id   2FIC
#
_cell.length_a   69.922
_cell.length_b   59.086
_cell.length_c   75.009
_cell.angle_alpha   90.00
_cell.angle_beta   117.53
_cell.angle_gamma   90.00
#
_symmetry.space_group_name_H-M   'P 1 21 1'
#
loop_
_entity.id
_entity.type
_entity.pdbx_description
1 polymer 'Myc box-dependent-interacting protein 1'
2 non-polymer XENON
3 water water
#
_entity_poly.entity_id   1
_entity_poly.type   'polypeptide(L)'
_entity_poly.pdbx_seq_one_letter_code
;SSGLVPRGSHMAEMGSKGVTAGKIASNVQKKLTRAQEKVLQKLGKADETKDEQFEQCVQNFNKQLTEGTRLQKDLRTYLA
SVKAMHEASKKLNECLQEVYEPDWPGRDEANKIAENNDLLWMDYHQKLVDQALLTMDTYLGQFPDIKSRIAKRGRKLVDY
DSARHHYESLQTAKKKDEAKIAKAEEELIKAQKVFEEMNVDLQEELPSLWNSRVGFYVNTFQSIAGLEENFHKEMSKLNQ
NLNDVLVGLEK
;
_entity_poly.pdbx_strand_id   A,B
#
loop_
_chem_comp.id
_chem_comp.type
_chem_comp.name
_chem_comp.formula
XE non-polymer XENON Xe
#
# COMPACT_ATOMS: atom_id res chain seq x y z
N GLU A 52 -25.67 -21.87 -2.05
CA GLU A 52 -26.12 -21.69 -3.42
C GLU A 52 -25.49 -20.51 -4.12
N GLN A 53 -25.89 -20.34 -5.38
CA GLN A 53 -25.30 -19.36 -6.26
C GLN A 53 -25.76 -17.96 -5.86
N PHE A 54 -27.05 -17.82 -5.62
CA PHE A 54 -27.61 -16.52 -5.38
C PHE A 54 -27.14 -15.98 -4.05
N GLU A 55 -26.92 -16.84 -3.05
CA GLU A 55 -26.41 -16.36 -1.76
C GLU A 55 -24.97 -15.86 -1.86
N GLN A 56 -24.12 -16.49 -2.68
CA GLN A 56 -22.77 -15.97 -2.93
C GLN A 56 -22.80 -14.62 -3.69
N CYS A 57 -23.77 -14.40 -4.57
CA CYS A 57 -23.94 -13.11 -5.22
C CYS A 57 -24.32 -12.01 -4.23
N VAL A 58 -25.16 -12.36 -3.28
CA VAL A 58 -25.62 -11.46 -2.27
C VAL A 58 -24.48 -11.11 -1.32
N GLN A 59 -23.66 -12.10 -1.00
CA GLN A 59 -22.48 -11.86 -0.20
C GLN A 59 -21.50 -10.88 -0.86
N ASN A 60 -21.24 -11.10 -2.14
CA ASN A 60 -20.39 -10.20 -2.90
C ASN A 60 -20.94 -8.78 -2.86
N PHE A 61 -22.26 -8.67 -2.99
CA PHE A 61 -22.93 -7.39 -3.01
C PHE A 61 -22.78 -6.66 -1.68
N ASN A 62 -23.00 -7.37 -0.59
CA ASN A 62 -22.82 -6.81 0.74
C ASN A 62 -21.38 -6.29 0.89
N LYS A 63 -20.40 -7.09 0.48
CA LYS A 63 -19.01 -6.67 0.51
C LYS A 63 -18.73 -5.42 -0.37
N GLN A 64 -19.22 -5.45 -1.59
CA GLN A 64 -19.07 -4.30 -2.49
C GLN A 64 -19.65 -3.03 -1.86
N LEU A 65 -20.78 -3.16 -1.16
CA LEU A 65 -21.43 -2.01 -0.53
C LEU A 65 -20.60 -1.54 0.68
N THR A 66 -20.08 -2.45 1.48
CA THR A 66 -19.24 -2.10 2.61
C THR A 66 -17.96 -1.36 2.17
N GLU A 67 -17.25 -1.90 1.18
CA GLU A 67 -16.00 -1.32 0.67
C GLU A 67 -16.27 0.07 0.13
N GLY A 68 -17.33 0.18 -0.66
CA GLY A 68 -17.73 1.43 -1.29
C GLY A 68 -18.07 2.54 -0.31
N THR A 69 -18.73 2.15 0.76
CA THR A 69 -19.14 3.06 1.79
C THR A 69 -17.88 3.55 2.54
N ARG A 70 -16.96 2.62 2.83
CA ARG A 70 -15.73 2.97 3.47
C ARG A 70 -14.91 3.94 2.59
N LEU A 71 -14.92 3.76 1.27
CA LEU A 71 -14.17 4.62 0.37
C LEU A 71 -14.74 6.03 0.32
N GLN A 72 -16.07 6.10 0.29
CA GLN A 72 -16.77 7.38 0.41
C GLN A 72 -16.44 8.09 1.73
N LYS A 73 -16.44 7.37 2.85
CA LYS A 73 -16.17 7.98 4.15
C LYS A 73 -14.72 8.52 4.21
N ASP A 74 -13.78 7.71 3.73
CA ASP A 74 -12.38 8.06 3.70
C ASP A 74 -12.07 9.19 2.68
N LEU A 75 -12.75 9.23 1.54
CA LEU A 75 -12.56 10.33 0.63
C LEU A 75 -13.02 11.67 1.21
N ARG A 76 -14.20 11.65 1.85
CA ARG A 76 -14.73 12.83 2.50
C ARG A 76 -13.74 13.39 3.56
N THR A 77 -13.16 12.50 4.34
CA THR A 77 -12.14 12.89 5.29
C THR A 77 -10.95 13.48 4.58
N TYR A 78 -10.59 12.92 3.43
CA TYR A 78 -9.38 13.34 2.76
C TYR A 78 -9.59 14.76 2.27
N LEU A 79 -10.76 15.02 1.65
CA LEU A 79 -11.12 16.33 1.18
C LEU A 79 -11.12 17.36 2.34
N ALA A 80 -11.67 16.99 3.51
CA ALA A 80 -11.64 17.87 4.69
C ALA A 80 -10.21 18.17 5.11
N SER A 81 -9.32 17.18 5.04
CA SER A 81 -7.93 17.38 5.40
C SER A 81 -7.17 18.29 4.42
N VAL A 82 -7.59 18.23 3.15
CA VAL A 82 -6.95 18.99 2.10
C VAL A 82 -7.37 20.43 2.39
N LYS A 83 -8.63 20.67 2.68
CA LYS A 83 -9.04 22.01 3.09
C LYS A 83 -8.29 22.54 4.34
N ALA A 84 -8.13 21.72 5.38
CA ALA A 84 -7.44 22.15 6.57
C ALA A 84 -5.98 22.48 6.26
N MET A 85 -5.35 21.72 5.37
CA MET A 85 -3.95 21.94 5.04
C MET A 85 -3.84 23.19 4.17
N HIS A 86 -4.74 23.39 3.23
CA HIS A 86 -4.86 24.69 2.59
C HIS A 86 -4.93 25.87 3.61
N GLU A 87 -5.89 25.87 4.50
CA GLU A 87 -6.08 26.98 5.42
C GLU A 87 -4.84 27.23 6.30
N ALA A 88 -4.16 26.19 6.77
CA ALA A 88 -2.98 26.36 7.61
C ALA A 88 -1.83 26.89 6.75
N SER A 89 -1.79 26.51 5.49
CA SER A 89 -0.72 26.94 4.63
C SER A 89 -0.94 28.40 4.35
N LYS A 90 -2.19 28.74 4.03
CA LYS A 90 -2.56 30.10 3.81
C LYS A 90 -2.22 31.02 5.00
N LYS A 91 -2.58 30.63 6.21
CA LYS A 91 -2.19 31.41 7.37
C LYS A 91 -0.69 31.62 7.52
N LEU A 92 0.12 30.60 7.22
CA LEU A 92 1.58 30.74 7.26
C LEU A 92 2.05 31.78 6.28
N ASN A 93 1.59 31.65 5.06
CA ASN A 93 1.81 32.65 4.00
C ASN A 93 1.46 34.06 4.54
N GLU A 94 0.36 34.18 5.27
CA GLU A 94 -0.10 35.48 5.78
C GLU A 94 0.88 36.06 6.81
N CYS A 95 1.51 35.18 7.57
CA CYS A 95 2.56 35.59 8.50
C CYS A 95 3.73 36.16 7.72
N LEU A 96 4.12 35.55 6.60
CA LEU A 96 5.17 36.14 5.76
C LEU A 96 4.75 37.49 5.20
N GLN A 97 3.57 37.54 4.63
CA GLN A 97 3.04 38.81 4.15
C GLN A 97 3.01 39.92 5.23
N GLU A 98 2.73 39.58 6.50
CA GLU A 98 2.59 40.61 7.52
C GLU A 98 3.97 41.13 8.01
N VAL A 99 5.03 40.31 7.90
CA VAL A 99 6.37 40.72 8.29
C VAL A 99 7.22 41.28 7.13
N TYR A 100 6.82 41.05 5.90
CA TYR A 100 7.59 41.51 4.75
C TYR A 100 7.65 43.05 4.75
N GLU A 101 8.86 43.61 4.84
CA GLU A 101 9.08 45.03 4.91
C GLU A 101 9.05 45.66 3.50
N PRO A 102 8.62 46.92 3.43
CA PRO A 102 8.48 47.60 2.13
C PRO A 102 9.85 47.80 1.46
N ASP A 103 10.90 47.95 2.26
CA ASP A 103 12.25 48.02 1.71
C ASP A 103 12.92 46.65 1.43
N TRP A 104 12.21 45.54 1.53
CA TRP A 104 12.75 44.28 1.01
C TRP A 104 12.29 44.10 -0.41
N PRO A 105 13.21 43.81 -1.34
CA PRO A 105 12.78 43.55 -2.73
C PRO A 105 11.93 42.28 -2.80
N GLY A 106 11.05 42.23 -3.80
CA GLY A 106 10.23 41.08 -4.05
C GLY A 106 8.92 41.00 -3.27
N ARG A 107 8.53 42.06 -2.55
CA ARG A 107 7.29 42.07 -1.76
C ARG A 107 6.05 41.80 -2.61
N ASP A 108 5.93 42.52 -3.76
CA ASP A 108 4.81 42.33 -4.70
C ASP A 108 4.82 40.91 -5.28
N GLU A 109 5.99 40.42 -5.64
CA GLU A 109 6.11 39.09 -6.22
C GLU A 109 5.67 38.05 -5.17
N ALA A 110 5.93 38.31 -3.89
CA ALA A 110 5.57 37.36 -2.84
C ALA A 110 4.06 37.37 -2.63
N ASN A 111 3.43 38.52 -2.81
CA ASN A 111 2.00 38.56 -2.72
C ASN A 111 1.36 37.80 -3.90
N LYS A 112 1.90 37.93 -5.12
CA LYS A 112 1.33 37.21 -6.26
C LYS A 112 1.49 35.73 -6.08
N ILE A 113 2.63 35.30 -5.55
CA ILE A 113 2.85 33.88 -5.32
C ILE A 113 1.81 33.32 -4.34
N ALA A 114 1.57 34.03 -3.26
CA ALA A 114 0.60 33.62 -2.25
C ALA A 114 -0.81 33.58 -2.85
N GLU A 115 -1.16 34.52 -3.70
CA GLU A 115 -2.43 34.50 -4.36
C GLU A 115 -2.56 33.26 -5.27
N ASN A 116 -1.51 32.96 -6.04
CA ASN A 116 -1.49 31.78 -6.87
C ASN A 116 -1.59 30.47 -6.05
N ASN A 117 -0.97 30.49 -4.89
CA ASN A 117 -0.94 29.32 -3.99
C ASN A 117 -2.40 28.99 -3.53
N ASP A 118 -3.11 30.05 -3.16
CA ASP A 118 -4.49 29.97 -2.68
C ASP A 118 -5.36 29.42 -3.81
N LEU A 119 -5.23 30.01 -4.99
CA LEU A 119 -5.97 29.51 -6.14
C LEU A 119 -5.65 28.04 -6.45
N LEU A 120 -4.41 27.63 -6.32
CA LEU A 120 -4.07 26.23 -6.57
C LEU A 120 -4.76 25.27 -5.65
N TRP A 121 -4.66 25.51 -4.34
CA TRP A 121 -5.35 24.71 -3.34
C TRP A 121 -6.83 24.65 -3.58
N MET A 122 -7.41 25.77 -3.98
CA MET A 122 -8.85 25.85 -4.23
C MET A 122 -9.24 25.02 -5.44
N ASP A 123 -8.38 25.04 -6.45
CA ASP A 123 -8.59 24.25 -7.67
C ASP A 123 -8.45 22.76 -7.38
N TYR A 124 -7.48 22.40 -6.54
CA TYR A 124 -7.23 21.01 -6.16
C TYR A 124 -8.46 20.43 -5.44
N HIS A 125 -8.93 21.10 -4.41
CA HIS A 125 -10.09 20.64 -3.66
C HIS A 125 -11.34 20.53 -4.57
N GLN A 126 -11.55 21.52 -5.43
CA GLN A 126 -12.70 21.48 -6.32
C GLN A 126 -12.63 20.30 -7.37
N LYS A 127 -11.46 19.97 -7.88
CA LYS A 127 -11.30 18.85 -8.78
C LYS A 127 -11.49 17.55 -8.02
N LEU A 128 -11.07 17.50 -6.76
CA LEU A 128 -11.35 16.29 -6.00
C LEU A 128 -12.86 16.07 -5.80
N VAL A 129 -13.58 17.11 -5.44
CA VAL A 129 -15.04 17.05 -5.37
C VAL A 129 -15.61 16.55 -6.70
N ASP A 130 -15.24 17.20 -7.81
CA ASP A 130 -15.87 16.90 -9.09
C ASP A 130 -15.46 15.57 -9.69
N GLN A 131 -14.20 15.17 -9.55
CA GLN A 131 -13.71 13.98 -10.22
C GLN A 131 -13.72 12.76 -9.37
N ALA A 132 -13.69 12.93 -8.05
CA ALA A 132 -13.61 11.77 -7.16
C ALA A 132 -14.85 11.58 -6.34
N LEU A 133 -15.36 12.65 -5.73
CA LEU A 133 -16.40 12.50 -4.71
C LEU A 133 -17.78 12.38 -5.33
N LEU A 134 -18.13 13.27 -6.25
CA LEU A 134 -19.46 13.24 -6.83
C LEU A 134 -19.67 11.98 -7.71
N THR A 135 -18.59 11.47 -8.30
CA THR A 135 -18.62 10.12 -8.91
C THR A 135 -18.76 8.98 -7.84
N MET A 136 -18.15 9.11 -6.66
CA MET A 136 -18.29 8.12 -5.61
C MET A 136 -19.76 8.02 -5.22
N ASP A 137 -20.37 9.17 -5.02
CA ASP A 137 -21.80 9.27 -4.75
C ASP A 137 -22.73 8.61 -5.82
N THR A 138 -22.50 8.85 -7.11
CA THR A 138 -23.35 8.20 -8.16
C THR A 138 -23.23 6.66 -8.13
N TYR A 139 -22.02 6.14 -8.01
CA TYR A 139 -21.86 4.70 -7.98
C TYR A 139 -22.63 4.13 -6.77
N LEU A 140 -22.49 4.75 -5.60
CA LEU A 140 -23.17 4.27 -4.40
C LEU A 140 -24.68 4.43 -4.42
N GLY A 141 -25.17 5.37 -5.22
CA GLY A 141 -26.59 5.63 -5.33
C GLY A 141 -27.42 4.48 -5.90
N GLN A 142 -26.78 3.57 -6.61
CA GLN A 142 -27.51 2.39 -7.11
C GLN A 142 -27.74 1.30 -6.06
N PHE A 143 -27.06 1.37 -4.93
CA PHE A 143 -27.08 0.25 -4.01
C PHE A 143 -28.38 0.12 -3.18
N PRO A 144 -28.90 1.21 -2.62
CA PRO A 144 -30.11 1.10 -1.79
C PRO A 144 -31.24 0.30 -2.43
N ASP A 145 -31.62 0.60 -3.67
CA ASP A 145 -32.76 -0.07 -4.27
C ASP A 145 -32.53 -1.54 -4.54
N ILE A 146 -31.30 -1.89 -4.85
CA ILE A 146 -30.95 -3.27 -5.05
C ILE A 146 -30.98 -3.99 -3.75
N LYS A 147 -30.45 -3.35 -2.71
CA LYS A 147 -30.53 -3.91 -1.35
C LYS A 147 -31.98 -4.22 -0.92
N SER A 148 -32.89 -3.31 -1.20
CA SER A 148 -34.30 -3.52 -0.91
C SER A 148 -34.87 -4.68 -1.71
N ARG A 149 -34.49 -4.74 -2.98
CA ARG A 149 -34.97 -5.78 -3.88
C ARG A 149 -34.41 -7.14 -3.46
N ILE A 150 -33.22 -7.22 -2.90
CA ILE A 150 -32.73 -8.52 -2.39
C ILE A 150 -33.65 -9.00 -1.25
N ALA A 151 -33.93 -8.13 -0.28
CA ALA A 151 -34.75 -8.47 0.85
C ALA A 151 -36.17 -8.90 0.41
N LYS A 152 -36.72 -8.18 -0.56
CA LYS A 152 -38.04 -8.41 -1.08
C LYS A 152 -38.13 -9.75 -1.83
N ARG A 153 -37.14 -10.02 -2.69
CA ARG A 153 -37.02 -11.34 -3.33
C ARG A 153 -37.02 -12.48 -2.30
N GLY A 154 -36.28 -12.30 -1.21
CA GLY A 154 -36.23 -13.27 -0.13
C GLY A 154 -37.65 -13.55 0.39
N ARG A 155 -38.43 -12.49 0.67
CA ARG A 155 -39.81 -12.65 1.15
C ARG A 155 -40.73 -13.29 0.07
N LYS A 156 -40.54 -12.95 -1.21
CA LYS A 156 -41.40 -13.47 -2.27
C LYS A 156 -41.12 -14.97 -2.54
N LEU A 157 -39.92 -15.40 -2.14
CA LEU A 157 -39.55 -16.81 -2.15
C LEU A 157 -40.28 -17.57 -1.07
N VAL A 158 -40.32 -17.06 0.15
CA VAL A 158 -41.06 -17.75 1.22
C VAL A 158 -42.57 -17.77 0.87
N ASP A 159 -43.09 -16.61 0.46
CA ASP A 159 -44.41 -16.46 -0.12
C ASP A 159 -44.77 -17.58 -1.12
N TYR A 160 -43.86 -17.91 -2.03
CA TYR A 160 -44.12 -18.91 -3.07
C TYR A 160 -44.00 -20.32 -2.49
N ASP A 161 -42.98 -20.56 -1.66
CA ASP A 161 -42.81 -21.83 -0.96
C ASP A 161 -44.03 -22.22 -0.12
N SER A 162 -44.64 -21.22 0.54
CA SER A 162 -45.78 -21.46 1.42
C SER A 162 -47.09 -21.59 0.62
N ALA A 163 -47.10 -21.10 -0.63
CA ALA A 163 -48.24 -21.27 -1.52
C ALA A 163 -48.21 -22.66 -2.17
N ARG A 164 -47.01 -23.18 -2.39
CA ARG A 164 -46.79 -24.54 -2.88
C ARG A 164 -47.07 -25.53 -1.74
N HIS A 165 -46.44 -25.36 -0.58
CA HIS A 165 -46.75 -26.18 0.61
C HIS A 165 -48.27 -26.20 0.97
N HIS A 166 -49.06 -25.33 0.33
CA HIS A 166 -50.51 -25.24 0.58
C HIS A 166 -51.34 -25.93 -0.53
N TYR A 167 -50.92 -25.77 -1.78
CA TYR A 167 -51.49 -26.51 -2.91
C TYR A 167 -51.18 -28.00 -2.79
N GLU A 168 -50.00 -28.34 -2.25
CA GLU A 168 -49.67 -29.70 -1.84
C GLU A 168 -50.60 -30.22 -0.72
N SER A 169 -50.87 -29.38 0.29
CA SER A 169 -51.63 -29.77 1.49
C SER A 169 -53.14 -29.99 1.23
N LEU A 170 -53.74 -29.19 0.35
CA LEU A 170 -55.15 -29.33 0.00
C LEU A 170 -55.39 -30.54 -0.92
N GLN A 171 -54.59 -30.64 -1.98
CA GLN A 171 -54.70 -31.72 -2.97
C GLN A 171 -54.69 -33.12 -2.33
N THR A 172 -54.03 -33.25 -1.18
CA THR A 172 -54.17 -34.43 -0.32
C THR A 172 -55.43 -34.30 0.54
N LYS A 180 -61.83 -24.77 -3.71
CA LYS A 180 -60.75 -24.44 -2.78
C LYS A 180 -59.36 -24.72 -3.38
N ILE A 181 -59.29 -25.74 -4.23
CA ILE A 181 -58.05 -26.09 -4.91
C ILE A 181 -57.94 -25.30 -6.21
N ALA A 182 -59.07 -25.07 -6.87
CA ALA A 182 -59.16 -24.12 -7.97
C ALA A 182 -58.40 -22.84 -7.62
N LYS A 183 -58.60 -22.38 -6.38
CA LYS A 183 -58.06 -21.10 -5.90
C LYS A 183 -56.57 -21.13 -5.54
N ALA A 184 -56.13 -22.15 -4.80
CA ALA A 184 -54.75 -22.23 -4.36
C ALA A 184 -53.76 -22.29 -5.53
N GLU A 185 -54.14 -22.97 -6.61
CA GLU A 185 -53.31 -23.07 -7.82
C GLU A 185 -53.19 -21.70 -8.49
N GLU A 186 -54.26 -20.92 -8.47
CA GLU A 186 -54.21 -19.50 -8.85
C GLU A 186 -53.10 -18.79 -8.06
N GLU A 187 -53.22 -18.81 -6.73
CA GLU A 187 -52.23 -18.24 -5.80
C GLU A 187 -50.80 -18.68 -6.10
N LEU A 188 -50.60 -19.96 -6.43
CA LEU A 188 -49.28 -20.51 -6.68
C LEU A 188 -48.68 -19.92 -7.95
N ILE A 189 -49.51 -19.83 -8.98
CA ILE A 189 -49.11 -19.22 -10.26
C ILE A 189 -48.75 -17.74 -10.09
N LYS A 190 -49.51 -17.03 -9.26
CA LYS A 190 -49.24 -15.61 -9.02
C LYS A 190 -47.96 -15.46 -8.22
N ALA A 191 -47.78 -16.33 -7.22
CA ALA A 191 -46.62 -16.26 -6.34
C ALA A 191 -45.35 -16.67 -7.06
N GLN A 192 -45.50 -17.47 -8.11
CA GLN A 192 -44.38 -17.96 -8.89
C GLN A 192 -43.94 -16.92 -9.89
N LYS A 193 -44.92 -16.29 -10.51
CA LYS A 193 -44.67 -15.26 -11.48
C LYS A 193 -44.07 -14.00 -10.81
N VAL A 194 -44.36 -13.80 -9.52
CA VAL A 194 -43.90 -12.60 -8.84
C VAL A 194 -42.47 -12.84 -8.35
N PHE A 195 -42.20 -14.04 -7.87
CA PHE A 195 -40.86 -14.36 -7.41
C PHE A 195 -39.88 -14.45 -8.57
N GLU A 196 -40.21 -15.25 -9.57
CA GLU A 196 -39.33 -15.51 -10.72
C GLU A 196 -39.00 -14.21 -11.46
N GLU A 197 -39.94 -13.25 -11.48
CA GLU A 197 -39.69 -11.94 -12.09
C GLU A 197 -38.63 -11.13 -11.31
N MET A 198 -38.60 -11.29 -9.99
CA MET A 198 -37.53 -10.69 -9.21
C MET A 198 -36.24 -11.44 -9.31
N ASN A 199 -36.32 -12.76 -9.40
CA ASN A 199 -35.14 -13.59 -9.44
C ASN A 199 -34.30 -13.34 -10.68
N VAL A 200 -34.93 -13.43 -11.84
CA VAL A 200 -34.26 -13.17 -13.11
C VAL A 200 -33.61 -11.78 -13.13
N ASP A 201 -34.33 -10.74 -12.68
CA ASP A 201 -33.81 -9.38 -12.77
C ASP A 201 -32.55 -9.24 -11.91
N LEU A 202 -32.60 -9.77 -10.68
CA LEU A 202 -31.41 -9.77 -9.81
C LEU A 202 -30.29 -10.70 -10.24
N GLN A 203 -30.62 -11.80 -10.91
CA GLN A 203 -29.59 -12.73 -11.38
C GLN A 203 -28.73 -12.11 -12.49
N GLU A 204 -29.32 -11.23 -13.30
CA GLU A 204 -28.59 -10.40 -14.27
C GLU A 204 -27.82 -9.28 -13.56
N GLU A 205 -28.49 -8.62 -12.62
CA GLU A 205 -28.03 -7.32 -12.14
C GLU A 205 -26.89 -7.41 -11.13
N LEU A 206 -26.92 -8.41 -10.26
CA LEU A 206 -25.89 -8.52 -9.24
C LEU A 206 -24.50 -8.82 -9.82
N PRO A 207 -24.35 -9.82 -10.69
CA PRO A 207 -23.06 -10.04 -11.38
C PRO A 207 -22.53 -8.81 -12.14
N SER A 208 -23.42 -8.08 -12.81
CA SER A 208 -23.03 -6.93 -13.59
C SER A 208 -22.59 -5.74 -12.72
N LEU A 209 -23.22 -5.56 -11.57
CA LEU A 209 -22.75 -4.59 -10.61
C LEU A 209 -21.39 -5.03 -10.04
N TRP A 210 -21.28 -6.29 -9.69
CA TRP A 210 -20.05 -6.79 -9.09
C TRP A 210 -18.87 -6.54 -10.02
N ASN A 211 -19.06 -6.86 -11.28
CA ASN A 211 -18.03 -6.65 -12.26
C ASN A 211 -17.54 -5.20 -12.35
N SER A 212 -18.48 -4.25 -12.26
CA SER A 212 -18.18 -2.85 -12.47
C SER A 212 -17.36 -2.28 -11.30
N ARG A 213 -17.17 -3.04 -10.23
CA ARG A 213 -16.42 -2.56 -9.07
C ARG A 213 -14.99 -2.15 -9.42
N VAL A 214 -14.35 -2.96 -10.26
CA VAL A 214 -12.95 -2.81 -10.59
C VAL A 214 -12.72 -1.51 -11.37
N GLY A 215 -13.51 -1.31 -12.39
CA GLY A 215 -13.55 -0.07 -13.12
C GLY A 215 -13.81 1.14 -12.24
N PHE A 216 -14.75 1.06 -11.29
CA PHE A 216 -15.00 2.17 -10.44
C PHE A 216 -13.75 2.52 -9.55
N TYR A 217 -13.11 1.52 -8.95
CA TYR A 217 -11.92 1.79 -8.19
C TYR A 217 -10.73 2.33 -9.00
N VAL A 218 -10.47 1.71 -10.13
CA VAL A 218 -9.41 2.10 -11.06
C VAL A 218 -9.62 3.52 -11.51
N ASN A 219 -10.82 3.85 -11.91
CA ASN A 219 -11.12 5.17 -12.41
C ASN A 219 -11.03 6.25 -11.28
N THR A 220 -11.51 5.91 -10.08
CA THR A 220 -11.45 6.84 -8.97
C THR A 220 -10.00 7.15 -8.60
N PHE A 221 -9.21 6.10 -8.41
CA PHE A 221 -7.83 6.24 -8.03
C PHE A 221 -6.95 6.77 -9.14
N GLN A 222 -7.32 6.53 -10.41
CA GLN A 222 -6.57 7.18 -11.48
C GLN A 222 -6.87 8.64 -11.52
N SER A 223 -8.12 9.02 -11.29
CA SER A 223 -8.52 10.42 -11.36
C SER A 223 -7.78 11.21 -10.26
N ILE A 224 -7.71 10.63 -9.07
CA ILE A 224 -7.00 11.26 -7.97
C ILE A 224 -5.52 11.40 -8.28
N ALA A 225 -4.90 10.33 -8.77
CA ALA A 225 -3.48 10.37 -9.01
C ALA A 225 -3.15 11.37 -10.15
N GLY A 226 -4.02 11.52 -11.15
CA GLY A 226 -3.78 12.53 -12.20
C GLY A 226 -3.92 13.95 -11.68
N LEU A 227 -4.98 14.21 -10.90
CA LEU A 227 -5.18 15.59 -10.45
C LEU A 227 -4.15 15.95 -9.32
N GLU A 228 -3.73 14.96 -8.59
CA GLU A 228 -2.68 15.19 -7.63
C GLU A 228 -1.31 15.41 -8.26
N GLU A 229 -0.95 14.62 -9.25
CA GLU A 229 0.23 14.88 -10.00
C GLU A 229 0.29 16.36 -10.42
N ASN A 230 -0.79 16.93 -10.94
CA ASN A 230 -0.74 18.28 -11.46
C ASN A 230 -0.64 19.28 -10.30
N PHE A 231 -1.36 19.00 -9.20
CA PHE A 231 -1.32 19.86 -8.03
C PHE A 231 0.07 19.91 -7.47
N HIS A 232 0.65 18.75 -7.26
CA HIS A 232 1.97 18.72 -6.68
C HIS A 232 3.08 19.32 -7.56
N LYS A 233 3.02 19.03 -8.83
CA LYS A 233 3.96 19.66 -9.80
C LYS A 233 3.80 21.18 -9.74
N GLU A 234 2.57 21.67 -9.80
CA GLU A 234 2.38 23.11 -9.84
C GLU A 234 2.78 23.76 -8.51
N MET A 235 2.49 23.13 -7.40
CA MET A 235 2.82 23.71 -6.11
C MET A 235 4.32 23.76 -5.91
N SER A 236 4.99 22.72 -6.35
CA SER A 236 6.43 22.65 -6.30
C SER A 236 7.04 23.88 -7.00
N LYS A 237 6.52 24.23 -8.16
CA LYS A 237 7.01 25.38 -8.88
C LYS A 237 6.74 26.67 -8.08
N LEU A 238 5.56 26.78 -7.46
CA LEU A 238 5.26 27.98 -6.68
C LEU A 238 6.16 28.10 -5.47
N ASN A 239 6.51 26.99 -4.83
CA ASN A 239 7.44 27.03 -3.72
C ASN A 239 8.85 27.41 -4.23
N GLN A 240 9.21 26.89 -5.40
CA GLN A 240 10.49 27.31 -5.98
C GLN A 240 10.55 28.82 -6.22
N ASN A 241 9.46 29.39 -6.73
CA ASN A 241 9.34 30.83 -7.00
C ASN A 241 9.54 31.65 -5.68
N LEU A 242 8.93 31.18 -4.59
CA LEU A 242 9.11 31.81 -3.30
C LEU A 242 10.51 31.64 -2.76
N ASN A 243 11.13 30.48 -2.97
CA ASN A 243 12.50 30.27 -2.50
C ASN A 243 13.44 31.24 -3.24
N ASP A 244 13.20 31.48 -4.53
CA ASP A 244 14.02 32.39 -5.34
C ASP A 244 13.86 33.84 -4.82
N VAL A 245 12.65 34.26 -4.46
CA VAL A 245 12.47 35.61 -3.95
C VAL A 245 13.22 35.75 -2.63
N LEU A 246 13.12 34.77 -1.77
CA LEU A 246 13.69 34.82 -0.44
C LEU A 246 15.20 34.79 -0.46
N VAL A 247 15.75 34.02 -1.38
CA VAL A 247 17.19 33.91 -1.58
C VAL A 247 17.78 35.27 -1.90
N GLY A 248 17.01 36.11 -2.60
CA GLY A 248 17.42 37.46 -2.92
C GLY A 248 17.25 38.53 -1.84
N LEU A 249 17.03 38.14 -0.59
CA LEU A 249 16.94 39.10 0.50
C LEU A 249 18.24 39.05 1.27
N LYS B 50 -2.84 -23.46 19.48
CA LYS B 50 -3.18 -22.99 18.15
C LYS B 50 -3.27 -21.47 18.03
N ASP B 51 -3.65 -20.81 19.10
CA ASP B 51 -3.00 -19.59 19.49
C ASP B 51 -1.50 -19.82 19.44
N GLU B 52 -1.07 -20.96 19.95
CA GLU B 52 0.35 -21.28 20.07
C GLU B 52 1.03 -21.50 18.71
N GLN B 53 0.36 -22.22 17.81
CA GLN B 53 0.79 -22.40 16.42
C GLN B 53 0.99 -21.04 15.74
N PHE B 54 -0.03 -20.17 15.83
CA PHE B 54 0.04 -18.85 15.25
C PHE B 54 1.11 -17.96 15.96
N GLU B 55 1.27 -18.04 17.29
CA GLU B 55 2.24 -17.19 17.98
C GLU B 55 3.66 -17.58 17.61
N GLN B 56 3.88 -18.84 17.26
CA GLN B 56 5.19 -19.26 16.80
C GLN B 56 5.52 -18.63 15.43
N CYS B 57 4.57 -18.63 14.52
CA CYS B 57 4.72 -17.92 13.26
C CYS B 57 5.05 -16.43 13.48
N VAL B 58 4.36 -15.81 14.44
CA VAL B 58 4.60 -14.43 14.74
C VAL B 58 6.04 -14.24 15.30
N GLN B 59 6.51 -15.15 16.17
CA GLN B 59 7.83 -15.03 16.73
C GLN B 59 8.92 -15.28 15.63
N ASN B 60 8.73 -16.26 14.76
CA ASN B 60 9.55 -16.45 13.58
C ASN B 60 9.58 -15.19 12.68
N PHE B 61 8.43 -14.62 12.47
CA PHE B 61 8.33 -13.42 11.63
C PHE B 61 9.15 -12.25 12.20
N ASN B 62 9.03 -11.97 13.51
CA ASN B 62 9.80 -10.89 14.14
C ASN B 62 11.30 -11.17 14.11
N LYS B 63 11.71 -12.43 14.29
CA LYS B 63 13.12 -12.84 14.15
C LYS B 63 13.63 -12.64 12.71
N GLN B 64 12.84 -13.07 11.74
CA GLN B 64 13.18 -12.90 10.35
C GLN B 64 13.29 -11.42 10.06
N LEU B 65 12.40 -10.62 10.63
CA LEU B 65 12.42 -9.20 10.32
C LEU B 65 13.68 -8.59 10.91
N THR B 66 14.03 -9.00 12.13
CA THR B 66 15.14 -8.44 12.88
C THR B 66 16.47 -8.78 12.19
N GLU B 67 16.59 -10.02 11.69
CA GLU B 67 17.84 -10.50 11.07
C GLU B 67 18.09 -9.90 9.69
N GLY B 68 17.04 -9.83 8.89
CA GLY B 68 17.05 -9.21 7.59
C GLY B 68 17.31 -7.71 7.66
N THR B 69 17.02 -7.10 8.82
CA THR B 69 17.25 -5.66 8.97
C THR B 69 18.72 -5.45 9.29
N ARG B 70 19.23 -6.31 10.15
CA ARG B 70 20.64 -6.24 10.51
C ARG B 70 21.56 -6.55 9.29
N LEU B 71 21.16 -7.51 8.46
CA LEU B 71 21.99 -7.93 7.31
C LEU B 71 22.16 -6.80 6.31
N GLN B 72 21.08 -6.08 6.06
CA GLN B 72 21.18 -4.90 5.22
C GLN B 72 22.13 -3.82 5.85
N LYS B 73 22.20 -3.74 7.17
CA LYS B 73 22.76 -2.55 7.83
C LYS B 73 24.20 -2.78 7.85
N ASP B 74 24.51 -4.06 7.91
CA ASP B 74 25.85 -4.46 7.86
C ASP B 74 26.26 -4.37 6.40
N LEU B 75 25.31 -4.54 5.46
CA LEU B 75 25.67 -4.47 4.06
C LEU B 75 25.95 -3.02 3.76
N ARG B 76 25.08 -2.17 4.28
CA ARG B 76 25.23 -0.72 4.09
C ARG B 76 26.57 -0.21 4.63
N THR B 77 26.96 -0.71 5.83
CA THR B 77 28.19 -0.33 6.45
C THR B 77 29.38 -0.83 5.65
N TYR B 78 29.29 -2.05 5.10
CA TYR B 78 30.32 -2.59 4.27
C TYR B 78 30.51 -1.76 3.02
N LEU B 79 29.38 -1.39 2.42
CA LEU B 79 29.37 -0.47 1.29
C LEU B 79 30.10 0.83 1.59
N ALA B 80 29.71 1.50 2.68
CA ALA B 80 30.42 2.73 3.09
C ALA B 80 31.92 2.52 3.35
N SER B 81 32.33 1.33 3.87
CA SER B 81 33.75 0.97 3.95
C SER B 81 34.43 0.97 2.60
N VAL B 82 33.75 0.41 1.61
CA VAL B 82 34.36 0.17 0.31
C VAL B 82 34.65 1.48 -0.34
N LYS B 83 33.69 2.40 -0.21
CA LYS B 83 33.79 3.75 -0.72
C LYS B 83 34.94 4.50 -0.01
N ALA B 84 35.09 4.37 1.31
CA ALA B 84 36.16 5.05 1.99
C ALA B 84 37.52 4.42 1.67
N MET B 85 37.57 3.12 1.45
CA MET B 85 38.82 2.46 1.06
C MET B 85 39.25 2.93 -0.33
N HIS B 86 38.26 3.19 -1.16
CA HIS B 86 38.44 3.70 -2.50
C HIS B 86 39.01 5.10 -2.49
N GLU B 87 38.38 5.98 -1.70
CA GLU B 87 38.85 7.36 -1.59
C GLU B 87 40.29 7.39 -1.01
N ALA B 88 40.58 6.53 -0.04
CA ALA B 88 41.92 6.51 0.56
C ALA B 88 42.96 6.04 -0.43
N SER B 89 42.62 5.01 -1.21
CA SER B 89 43.46 4.50 -2.29
C SER B 89 43.72 5.56 -3.37
N LYS B 90 42.72 6.38 -3.69
CA LYS B 90 42.92 7.45 -4.63
C LYS B 90 43.89 8.48 -4.06
N LYS B 91 43.79 8.82 -2.79
CA LYS B 91 44.72 9.81 -2.26
C LYS B 91 46.14 9.24 -2.28
N LEU B 92 46.27 7.96 -1.98
CA LEU B 92 47.57 7.33 -1.89
C LEU B 92 48.22 7.29 -3.25
N ASN B 93 47.47 6.89 -4.28
CA ASN B 93 47.98 6.97 -5.64
C ASN B 93 48.29 8.39 -6.02
N GLU B 94 47.51 9.37 -5.58
CA GLU B 94 47.82 10.75 -5.93
C GLU B 94 49.20 11.14 -5.39
N CYS B 95 49.61 10.58 -4.26
CA CYS B 95 50.94 10.86 -3.74
C CYS B 95 52.06 10.40 -4.68
N LEU B 96 51.92 9.17 -5.20
CA LEU B 96 52.84 8.65 -6.20
C LEU B 96 52.86 9.55 -7.45
N GLN B 97 51.71 9.77 -8.08
CA GLN B 97 51.65 10.70 -9.23
C GLN B 97 52.36 12.04 -8.98
N GLU B 98 52.17 12.59 -7.79
CA GLU B 98 52.76 13.88 -7.42
C GLU B 98 54.29 13.85 -7.53
N VAL B 99 54.91 12.74 -7.15
CA VAL B 99 56.36 12.66 -7.19
C VAL B 99 56.92 12.09 -8.49
N TYR B 100 56.10 11.38 -9.23
CA TYR B 100 56.55 10.69 -10.45
C TYR B 100 56.65 11.68 -11.62
N GLU B 101 57.86 12.04 -12.02
CA GLU B 101 58.06 13.12 -13.01
C GLU B 101 57.62 12.66 -14.42
N PRO B 102 57.12 13.58 -15.26
CA PRO B 102 56.49 13.20 -16.56
C PRO B 102 57.38 12.47 -17.57
N ASP B 103 58.68 12.73 -17.50
CA ASP B 103 59.72 12.12 -18.34
C ASP B 103 60.34 10.83 -17.75
N TRP B 104 60.06 10.53 -16.48
CA TRP B 104 60.62 9.30 -15.86
C TRP B 104 59.96 8.15 -16.54
N PRO B 105 60.70 7.08 -16.80
CA PRO B 105 60.10 5.95 -17.51
C PRO B 105 58.96 5.37 -16.68
N GLY B 106 57.85 5.08 -17.35
CA GLY B 106 56.71 4.40 -16.78
C GLY B 106 55.67 5.36 -16.21
N ARG B 107 55.91 6.69 -16.29
CA ARG B 107 54.99 7.65 -15.68
C ARG B 107 53.55 7.52 -16.22
N ASP B 108 53.40 7.50 -17.54
CA ASP B 108 52.07 7.43 -18.17
C ASP B 108 51.38 6.14 -17.80
N GLU B 109 52.14 5.05 -17.75
CA GLU B 109 51.55 3.78 -17.42
C GLU B 109 51.11 3.73 -15.96
N ALA B 110 51.89 4.33 -15.05
CA ALA B 110 51.50 4.33 -13.65
C ALA B 110 50.19 5.12 -13.53
N ASN B 111 50.05 6.12 -14.37
CA ASN B 111 48.80 6.86 -14.41
C ASN B 111 47.57 6.07 -14.83
N LYS B 112 47.70 5.38 -15.97
CA LYS B 112 46.75 4.43 -16.49
C LYS B 112 46.34 3.46 -15.38
N ILE B 113 47.30 2.96 -14.64
CA ILE B 113 46.99 2.00 -13.58
C ILE B 113 46.21 2.66 -12.46
N ALA B 114 46.57 3.88 -12.05
CA ALA B 114 45.79 4.56 -11.03
C ALA B 114 44.33 4.84 -11.48
N GLU B 115 44.13 5.13 -12.75
CA GLU B 115 42.78 5.32 -13.22
C GLU B 115 41.97 4.01 -13.32
N ASN B 116 42.60 2.92 -13.74
CA ASN B 116 41.96 1.58 -13.68
C ASN B 116 41.54 1.21 -12.24
N ASN B 117 42.41 1.50 -11.28
CA ASN B 117 42.10 1.27 -9.88
C ASN B 117 40.82 1.97 -9.47
N ASP B 118 40.73 3.24 -9.82
CA ASP B 118 39.56 4.06 -9.57
C ASP B 118 38.30 3.40 -10.18
N LEU B 119 38.37 3.08 -11.46
CA LEU B 119 37.27 2.42 -12.12
C LEU B 119 36.93 1.11 -11.49
N LEU B 120 37.90 0.31 -11.04
CA LEU B 120 37.59 -0.98 -10.48
C LEU B 120 36.81 -0.75 -9.17
N TRP B 121 37.21 0.20 -8.35
CA TRP B 121 36.53 0.37 -7.08
C TRP B 121 35.12 0.83 -7.37
N MET B 122 34.96 1.70 -8.35
CA MET B 122 33.64 2.19 -8.66
C MET B 122 32.73 1.04 -9.10
N ASP B 123 33.25 0.15 -9.91
CA ASP B 123 32.42 -0.87 -10.51
C ASP B 123 32.01 -1.87 -9.40
N TYR B 124 32.96 -2.25 -8.54
CA TYR B 124 32.69 -3.13 -7.39
C TYR B 124 31.52 -2.58 -6.54
N HIS B 125 31.63 -1.31 -6.15
CA HIS B 125 30.67 -0.68 -5.31
C HIS B 125 29.30 -0.56 -6.03
N GLN B 126 29.32 -0.22 -7.30
CA GLN B 126 28.04 -0.04 -8.05
C GLN B 126 27.38 -1.42 -8.23
N LYS B 127 28.17 -2.47 -8.51
CA LYS B 127 27.64 -3.82 -8.69
C LYS B 127 27.10 -4.38 -7.39
N LEU B 128 27.73 -4.05 -6.26
CA LEU B 128 27.27 -4.54 -4.97
C LEU B 128 25.92 -3.94 -4.72
N VAL B 129 25.79 -2.67 -5.04
CA VAL B 129 24.54 -1.95 -4.91
C VAL B 129 23.46 -2.62 -5.79
N ASP B 130 23.76 -2.81 -7.07
CA ASP B 130 22.77 -3.34 -8.03
C ASP B 130 22.45 -4.84 -7.81
N GLN B 131 23.44 -5.63 -7.38
CA GLN B 131 23.35 -7.09 -7.43
C GLN B 131 23.09 -7.72 -6.06
N ALA B 132 23.37 -7.01 -4.96
CA ALA B 132 23.25 -7.55 -3.60
C ALA B 132 22.41 -6.69 -2.67
N LEU B 133 22.51 -5.37 -2.78
CA LEU B 133 21.76 -4.47 -1.93
C LEU B 133 20.32 -4.13 -2.46
N LEU B 134 20.22 -3.54 -3.64
CA LEU B 134 18.92 -3.17 -4.23
C LEU B 134 18.08 -4.36 -4.76
N THR B 135 18.72 -5.53 -4.80
CA THR B 135 18.07 -6.81 -5.11
C THR B 135 17.32 -7.39 -3.89
N MET B 136 17.68 -6.91 -2.69
CA MET B 136 16.92 -7.20 -1.46
C MET B 136 15.49 -6.59 -1.43
N ASP B 137 15.25 -5.53 -2.21
CA ASP B 137 14.00 -4.74 -2.20
C ASP B 137 12.71 -5.54 -2.16
N THR B 138 12.55 -6.45 -3.13
CA THR B 138 11.35 -7.32 -3.24
C THR B 138 11.02 -8.08 -1.95
N TYR B 139 12.05 -8.67 -1.37
CA TYR B 139 11.96 -9.50 -0.18
C TYR B 139 11.60 -8.71 1.08
N LEU B 140 12.40 -7.69 1.39
CA LEU B 140 12.16 -6.89 2.58
C LEU B 140 10.84 -6.12 2.47
N GLY B 141 10.56 -5.66 1.25
CA GLY B 141 9.32 -4.97 0.95
C GLY B 141 8.12 -5.76 1.41
N GLN B 142 8.25 -7.09 1.44
CA GLN B 142 7.21 -7.97 1.94
C GLN B 142 6.80 -7.67 3.37
N PHE B 143 7.75 -7.27 4.21
CA PHE B 143 7.51 -7.20 5.67
C PHE B 143 6.52 -6.16 6.27
N PRO B 144 6.71 -4.85 6.03
CA PRO B 144 5.88 -3.79 6.65
C PRO B 144 4.37 -4.08 6.73
N ASP B 145 3.84 -4.61 5.64
CA ASP B 145 2.42 -4.83 5.52
C ASP B 145 2.00 -6.10 6.23
N ILE B 146 2.90 -7.09 6.33
CA ILE B 146 2.60 -8.27 7.13
C ILE B 146 2.56 -7.88 8.64
N LYS B 147 3.55 -7.07 9.06
CA LYS B 147 3.60 -6.61 10.45
C LYS B 147 2.27 -5.94 10.82
N SER B 148 1.83 -5.04 9.94
CA SER B 148 0.57 -4.31 10.13
C SER B 148 -0.64 -5.26 10.18
N ARG B 149 -0.73 -6.18 9.22
CA ARG B 149 -1.78 -7.18 9.20
C ARG B 149 -1.78 -8.03 10.51
N ILE B 150 -0.62 -8.28 11.12
CA ILE B 150 -0.55 -9.07 12.34
C ILE B 150 -1.15 -8.28 13.51
N ALA B 151 -0.78 -7.03 13.65
CA ALA B 151 -1.37 -6.21 14.73
C ALA B 151 -2.94 -6.04 14.56
N LYS B 152 -3.39 -5.93 13.32
CA LYS B 152 -4.83 -5.81 12.99
C LYS B 152 -5.61 -7.11 13.32
N ARG B 153 -4.99 -8.25 13.06
CA ARG B 153 -5.54 -9.55 13.39
C ARG B 153 -5.75 -9.63 14.88
N GLY B 154 -4.76 -9.09 15.62
CA GLY B 154 -4.84 -8.97 17.07
C GLY B 154 -6.06 -8.14 17.50
N ARG B 155 -6.33 -7.01 16.87
CA ARG B 155 -7.46 -6.19 17.32
C ARG B 155 -8.81 -6.83 16.96
N LYS B 156 -8.87 -7.47 15.80
CA LYS B 156 -10.07 -8.15 15.35
C LYS B 156 -10.35 -9.36 16.25
N LEU B 157 -9.32 -9.95 16.83
CA LEU B 157 -9.52 -11.05 17.75
C LEU B 157 -10.12 -10.53 19.05
N VAL B 158 -9.63 -9.38 19.52
CA VAL B 158 -10.21 -8.70 20.70
C VAL B 158 -11.66 -8.33 20.45
N ASP B 159 -11.98 -7.82 19.27
CA ASP B 159 -13.35 -7.47 18.92
C ASP B 159 -14.28 -8.70 18.94
N TYR B 160 -13.83 -9.78 18.32
CA TYR B 160 -14.49 -11.08 18.34
C TYR B 160 -14.76 -11.61 19.77
N ASP B 161 -13.73 -11.65 20.60
CA ASP B 161 -13.84 -11.99 22.04
C ASP B 161 -14.88 -11.08 22.74
N SER B 162 -14.89 -9.79 22.46
CA SER B 162 -15.91 -8.89 23.01
C SER B 162 -17.33 -9.24 22.61
N ALA B 163 -17.51 -9.49 21.31
CA ALA B 163 -18.82 -9.85 20.82
C ALA B 163 -19.22 -11.22 21.37
N ARG B 164 -18.30 -12.15 21.59
CA ARG B 164 -18.67 -13.39 22.22
C ARG B 164 -19.13 -13.09 23.65
N HIS B 165 -18.38 -12.28 24.37
CA HIS B 165 -18.73 -12.01 25.76
C HIS B 165 -20.14 -11.37 25.91
N HIS B 166 -20.46 -10.43 25.02
CA HIS B 166 -21.75 -9.76 25.02
C HIS B 166 -22.89 -10.75 24.71
N TYR B 167 -22.75 -11.55 23.67
CA TYR B 167 -23.72 -12.59 23.33
C TYR B 167 -23.95 -13.51 24.54
N GLU B 168 -22.87 -13.90 25.19
CA GLU B 168 -22.93 -14.73 26.40
C GLU B 168 -23.73 -14.10 27.57
N SER B 169 -23.55 -12.83 27.84
CA SER B 169 -24.26 -12.17 28.93
C SER B 169 -25.79 -12.17 28.69
N LEU B 170 -26.20 -12.18 27.42
CA LEU B 170 -27.61 -12.18 27.07
C LEU B 170 -28.28 -13.55 27.22
N GLN B 171 -27.53 -14.62 27.02
CA GLN B 171 -28.10 -15.96 27.16
C GLN B 171 -28.43 -16.37 28.59
N THR B 172 -28.02 -15.59 29.59
CA THR B 172 -28.28 -15.94 31.01
C THR B 172 -29.15 -14.89 31.75
N ALA B 173 -30.17 -14.38 31.06
CA ALA B 173 -31.26 -13.67 31.71
C ALA B 173 -32.21 -14.79 32.18
N LYS B 174 -32.95 -14.57 33.26
CA LYS B 174 -33.82 -13.40 33.36
C LYS B 174 -34.55 -13.14 32.04
N LYS B 175 -35.53 -13.99 31.75
CA LYS B 175 -36.15 -14.01 30.40
C LYS B 175 -35.26 -13.48 29.26
N LYS B 176 -34.97 -14.36 28.30
CA LYS B 176 -34.18 -13.99 27.12
C LYS B 176 -34.89 -12.85 26.35
N ASP B 177 -34.13 -11.80 26.05
CA ASP B 177 -34.59 -10.73 25.17
C ASP B 177 -34.17 -11.15 23.75
N GLU B 178 -35.09 -11.79 23.03
CA GLU B 178 -34.81 -12.38 21.72
C GLU B 178 -34.29 -11.37 20.72
N ALA B 179 -34.77 -10.15 20.77
CA ALA B 179 -34.34 -9.17 19.80
C ALA B 179 -32.88 -8.74 20.02
N LYS B 180 -32.46 -8.65 21.26
CA LYS B 180 -31.11 -8.23 21.60
C LYS B 180 -30.16 -9.39 21.35
N ILE B 181 -30.61 -10.60 21.59
CA ILE B 181 -29.90 -11.79 21.21
C ILE B 181 -29.68 -11.84 19.73
N ALA B 182 -30.69 -11.47 18.95
CA ALA B 182 -30.56 -11.51 17.53
C ALA B 182 -29.46 -10.59 17.02
N LYS B 183 -29.41 -9.35 17.55
CA LYS B 183 -28.37 -8.41 17.13
C LYS B 183 -26.99 -8.84 17.63
N ALA B 184 -26.89 -9.31 18.86
CA ALA B 184 -25.61 -9.71 19.37
C ALA B 184 -25.09 -10.93 18.59
N GLU B 185 -25.98 -11.76 18.10
CA GLU B 185 -25.58 -12.96 17.35
C GLU B 185 -25.07 -12.52 16.00
N GLU B 186 -25.69 -11.50 15.45
CA GLU B 186 -25.30 -11.04 14.15
C GLU B 186 -23.90 -10.40 14.24
N GLU B 187 -23.61 -9.74 15.37
CA GLU B 187 -22.38 -8.98 15.56
C GLU B 187 -21.29 -9.98 15.83
N LEU B 188 -21.65 -11.06 16.50
CA LEU B 188 -20.70 -12.12 16.76
C LEU B 188 -20.25 -12.81 15.50
N ILE B 189 -21.18 -13.20 14.66
CA ILE B 189 -20.88 -13.88 13.41
C ILE B 189 -20.02 -12.98 12.50
N LYS B 190 -20.40 -11.70 12.38
CA LYS B 190 -19.63 -10.67 11.66
C LYS B 190 -18.16 -10.55 12.15
N ALA B 191 -17.98 -10.42 13.45
CA ALA B 191 -16.68 -10.14 14.01
C ALA B 191 -15.81 -11.40 13.91
N GLN B 192 -16.44 -12.57 13.95
CA GLN B 192 -15.74 -13.81 13.68
C GLN B 192 -15.22 -13.90 12.22
N LYS B 193 -16.08 -13.60 11.25
CA LYS B 193 -15.68 -13.57 9.85
C LYS B 193 -14.50 -12.62 9.59
N VAL B 194 -14.58 -11.40 10.13
CA VAL B 194 -13.56 -10.37 9.98
C VAL B 194 -12.20 -10.85 10.53
N PHE B 195 -12.24 -11.44 11.72
CA PHE B 195 -11.07 -12.04 12.30
C PHE B 195 -10.57 -13.20 11.46
N GLU B 196 -11.48 -14.06 11.03
CA GLU B 196 -11.10 -15.32 10.41
C GLU B 196 -10.53 -15.13 9.00
N GLU B 197 -10.99 -14.13 8.23
CA GLU B 197 -10.31 -13.75 6.98
C GLU B 197 -8.83 -13.33 7.21
N MET B 198 -8.57 -12.47 8.21
CA MET B 198 -7.22 -11.96 8.46
C MET B 198 -6.34 -13.11 8.81
N ASN B 199 -6.94 -14.02 9.57
CA ASN B 199 -6.27 -15.12 10.17
C ASN B 199 -5.86 -16.16 9.13
N VAL B 200 -6.73 -16.47 8.18
CA VAL B 200 -6.50 -17.52 7.19
C VAL B 200 -5.38 -17.15 6.21
N ASP B 201 -5.35 -15.87 5.83
CA ASP B 201 -4.32 -15.36 4.90
C ASP B 201 -2.96 -15.27 5.56
N LEU B 202 -2.92 -14.87 6.83
CA LEU B 202 -1.67 -14.88 7.58
C LEU B 202 -1.17 -16.29 7.79
N GLN B 203 -2.08 -17.24 7.98
CA GLN B 203 -1.65 -18.60 8.28
C GLN B 203 -0.97 -19.27 7.07
N GLU B 204 -1.40 -18.99 5.84
CA GLU B 204 -0.64 -19.48 4.67
C GLU B 204 0.59 -18.60 4.38
N GLU B 205 0.51 -17.29 4.65
CA GLU B 205 1.56 -16.37 4.24
C GLU B 205 2.81 -16.41 5.09
N LEU B 206 2.65 -16.61 6.40
CA LEU B 206 3.81 -16.56 7.27
C LEU B 206 4.75 -17.75 7.03
N PRO B 207 4.27 -19.00 7.00
CA PRO B 207 5.19 -20.10 6.66
C PRO B 207 5.83 -19.91 5.29
N SER B 208 5.10 -19.43 4.27
CA SER B 208 5.74 -19.19 2.95
C SER B 208 6.91 -18.19 3.03
N LEU B 209 6.70 -17.06 3.70
CA LEU B 209 7.77 -16.07 3.91
C LEU B 209 8.96 -16.63 4.69
N TRP B 210 8.64 -17.34 5.76
CA TRP B 210 9.70 -17.86 6.60
C TRP B 210 10.59 -18.72 5.73
N ASN B 211 10.01 -19.71 5.03
CA ASN B 211 10.81 -20.62 4.17
C ASN B 211 11.69 -19.93 3.13
N SER B 212 11.25 -18.77 2.64
CA SER B 212 11.95 -18.02 1.60
C SER B 212 13.17 -17.29 2.13
N ARG B 213 13.29 -17.18 3.45
CA ARG B 213 14.46 -16.56 4.05
C ARG B 213 15.73 -17.27 3.63
N VAL B 214 15.66 -18.57 3.35
CA VAL B 214 16.82 -19.38 2.97
C VAL B 214 17.41 -18.89 1.66
N GLY B 215 16.57 -18.90 0.63
CA GLY B 215 16.83 -18.30 -0.67
C GLY B 215 17.42 -16.91 -0.58
N PHE B 216 16.78 -16.03 0.17
CA PHE B 216 17.30 -14.68 0.38
C PHE B 216 18.72 -14.65 0.90
N TYR B 217 19.00 -15.37 1.98
CA TYR B 217 20.32 -15.32 2.55
C TYR B 217 21.35 -15.92 1.61
N VAL B 218 21.01 -17.06 1.01
CA VAL B 218 21.97 -17.77 0.18
C VAL B 218 22.29 -16.92 -1.02
N ASN B 219 21.27 -16.36 -1.66
CA ASN B 219 21.49 -15.57 -2.85
C ASN B 219 22.28 -14.26 -2.59
N THR B 220 21.98 -13.59 -1.49
CA THR B 220 22.67 -12.36 -1.15
C THR B 220 24.17 -12.67 -0.93
N PHE B 221 24.45 -13.72 -0.19
CA PHE B 221 25.84 -14.04 0.11
C PHE B 221 26.62 -14.62 -1.06
N GLN B 222 25.94 -15.31 -1.97
CA GLN B 222 26.52 -15.71 -3.22
C GLN B 222 26.83 -14.51 -4.13
N SER B 223 25.96 -13.49 -4.14
CA SER B 223 26.24 -12.30 -4.95
C SER B 223 27.44 -11.56 -4.35
N ILE B 224 27.50 -11.42 -3.04
CA ILE B 224 28.58 -10.67 -2.43
C ILE B 224 29.94 -11.42 -2.66
N ALA B 225 29.96 -12.73 -2.41
CA ALA B 225 31.18 -13.52 -2.52
C ALA B 225 31.64 -13.64 -3.97
N GLY B 226 30.70 -13.73 -4.92
CA GLY B 226 31.02 -13.76 -6.32
C GLY B 226 31.67 -12.47 -6.79
N LEU B 227 31.05 -11.33 -6.42
CA LEU B 227 31.59 -9.99 -6.69
C LEU B 227 32.96 -9.79 -6.03
N GLU B 228 33.05 -10.14 -4.77
CA GLU B 228 34.29 -10.06 -4.03
C GLU B 228 35.48 -10.90 -4.61
N GLU B 229 35.28 -12.18 -4.96
CA GLU B 229 36.25 -12.95 -5.72
C GLU B 229 36.78 -12.22 -6.93
N ASN B 230 35.87 -11.64 -7.70
CA ASN B 230 36.27 -11.01 -8.91
C ASN B 230 37.04 -9.70 -8.69
N PHE B 231 36.62 -8.90 -7.71
CA PHE B 231 37.22 -7.62 -7.42
C PHE B 231 38.65 -7.86 -6.99
N HIS B 232 38.83 -8.81 -6.09
CA HIS B 232 40.14 -9.06 -5.58
C HIS B 232 41.08 -9.65 -6.65
N LYS B 233 40.54 -10.51 -7.51
CA LYS B 233 41.28 -10.99 -8.69
C LYS B 233 41.75 -9.83 -9.57
N GLU B 234 40.86 -8.91 -9.89
CA GLU B 234 41.20 -7.82 -10.80
C GLU B 234 42.20 -6.87 -10.10
N MET B 235 41.95 -6.60 -8.83
CA MET B 235 42.88 -5.84 -8.00
C MET B 235 44.32 -6.36 -8.15
N SER B 236 44.52 -7.63 -7.82
CA SER B 236 45.85 -8.18 -7.72
C SER B 236 46.56 -7.91 -9.04
N LYS B 237 45.81 -7.91 -10.14
CA LYS B 237 46.45 -7.67 -11.42
C LYS B 237 46.99 -6.24 -11.51
N LEU B 238 46.23 -5.26 -10.99
CA LEU B 238 46.69 -3.89 -10.94
C LEU B 238 47.93 -3.73 -10.09
N ASN B 239 47.97 -4.39 -8.94
CA ASN B 239 49.15 -4.35 -8.09
C ASN B 239 50.38 -4.86 -8.85
N GLN B 240 50.22 -5.96 -9.57
CA GLN B 240 51.26 -6.50 -10.40
C GLN B 240 51.75 -5.54 -11.49
N ASN B 241 50.83 -4.93 -12.17
CA ASN B 241 51.17 -3.96 -13.20
C ASN B 241 51.96 -2.77 -12.66
N LEU B 242 51.62 -2.26 -11.47
CA LEU B 242 52.33 -1.14 -10.85
C LEU B 242 53.73 -1.60 -10.47
N ASN B 243 53.76 -2.79 -9.92
CA ASN B 243 55.03 -3.36 -9.47
C ASN B 243 56.04 -3.48 -10.67
N ASP B 244 55.56 -3.90 -11.85
CA ASP B 244 56.40 -4.01 -13.05
C ASP B 244 56.87 -2.65 -13.52
N VAL B 245 55.99 -1.66 -13.50
CA VAL B 245 56.41 -0.30 -13.82
C VAL B 245 57.51 0.13 -12.84
N LEU B 246 57.34 -0.09 -11.54
CA LEU B 246 58.24 0.49 -10.55
C LEU B 246 59.61 -0.23 -10.59
N VAL B 247 59.63 -1.44 -11.11
CA VAL B 247 60.88 -2.18 -11.34
C VAL B 247 61.84 -1.37 -12.26
N GLY B 248 61.29 -0.63 -13.21
CA GLY B 248 62.05 0.23 -14.09
C GLY B 248 62.85 1.34 -13.43
N LEU B 249 62.42 1.80 -12.25
CA LEU B 249 63.09 2.87 -11.52
C LEU B 249 63.96 2.36 -10.37
N GLU B 250 64.00 1.05 -10.13
CA GLU B 250 64.97 0.46 -9.17
C GLU B 250 66.44 0.84 -9.39
XE XE C . -8.17 -1.91 -8.05
XE XE D . 23.54 -18.54 3.53
#